data_7C23
#
_entry.id   7C23
#
_cell.length_a   116.655
_cell.length_b   37.019
_cell.length_c   99.747
_cell.angle_alpha   90.000
_cell.angle_beta   99.055
_cell.angle_gamma   90.000
#
_symmetry.space_group_name_H-M   'C 1 2 1'
#
loop_
_entity.id
_entity.type
_entity.pdbx_description
1 polymer Carboxylesterase
2 non-polymer 'CALCIUM ION'
3 non-polymer 'ACETATE ION'
4 non-polymer IMIDAZOLE
5 non-polymer 1,2-ETHANEDIOL
6 water water
#
_entity_poly.entity_id   1
_entity_poly.type   'polypeptide(L)'
_entity_poly.pdbx_seq_one_letter_code
;MADGEAAGQQADAVMPTGPAIDVLAFGDSLFAGYRLDRDESYPARLQAALRERGLNVNVTNAGVSGDTTAAGLQRIDFVL
DSMAGEPDLVLLELGANDMLRGLPAEEARRNLDTILQRLDQRDIPVMVYGMRAAPNLGGDYGRSFDSIFPDLADKYDAEL
VPFFIEPLIFDRSLVQQDQLHPTAQGVDAMVEQTVEQVEDRIDDL
;
_entity_poly.pdbx_strand_id   A,B
#
loop_
_chem_comp.id
_chem_comp.type
_chem_comp.name
_chem_comp.formula
ACT non-polymer 'ACETATE ION' 'C2 H3 O2 -1'
CA non-polymer 'CALCIUM ION' 'Ca 2'
EDO non-polymer 1,2-ETHANEDIOL 'C2 H6 O2'
IMD non-polymer IMIDAZOLE 'C3 H5 N2 1'
#
# COMPACT_ATOMS: atom_id res chain seq x y z
N ASP A 12 -19.42 -25.54 -23.33
CA ASP A 12 -18.99 -25.81 -21.96
C ASP A 12 -19.80 -25.00 -20.95
N ALA A 13 -20.12 -23.74 -21.28
CA ALA A 13 -20.86 -22.80 -20.40
C ALA A 13 -22.29 -23.30 -20.14
N VAL A 14 -22.84 -23.07 -18.96
CA VAL A 14 -24.25 -23.43 -18.68
C VAL A 14 -24.99 -22.10 -18.50
N MET A 15 -26.10 -21.89 -19.20
CA MET A 15 -26.90 -20.65 -19.12
C MET A 15 -27.51 -20.54 -17.73
N PRO A 16 -27.32 -19.45 -16.96
CA PRO A 16 -27.97 -19.33 -15.68
C PRO A 16 -29.51 -19.29 -15.83
N THR A 17 -30.23 -19.87 -14.87
CA THR A 17 -31.69 -19.93 -14.85
C THR A 17 -32.17 -19.65 -13.44
N GLY A 18 -33.46 -19.28 -13.33
CA GLY A 18 -34.07 -19.05 -12.04
C GLY A 18 -33.85 -17.66 -11.48
N PRO A 19 -34.30 -17.42 -10.25
CA PRO A 19 -34.18 -16.07 -9.67
C PRO A 19 -32.74 -15.72 -9.33
N ALA A 20 -32.45 -14.43 -9.31
CA ALA A 20 -31.11 -13.96 -9.01
C ALA A 20 -30.76 -14.29 -7.57
N ILE A 21 -29.50 -14.64 -7.35
CA ILE A 21 -28.92 -14.87 -6.04
C ILE A 21 -27.93 -13.75 -5.77
N ASP A 22 -28.20 -12.95 -4.73
CA ASP A 22 -27.39 -11.79 -4.41
C ASP A 22 -26.31 -12.21 -3.42
N VAL A 23 -25.06 -12.00 -3.81
CA VAL A 23 -23.93 -12.31 -2.93
C VAL A 23 -23.18 -11.02 -2.63
N LEU A 24 -22.93 -10.76 -1.36
CA LEU A 24 -22.20 -9.54 -0.98
C LEU A 24 -20.75 -9.88 -0.66
N ALA A 25 -19.80 -9.27 -1.38
CA ALA A 25 -18.38 -9.49 -1.09
C ALA A 25 -17.91 -8.33 -0.23
N PHE A 26 -17.82 -8.59 1.07
CA PHE A 26 -17.51 -7.57 2.08
C PHE A 26 -16.08 -7.77 2.55
N GLY A 27 -15.18 -6.89 2.12
CA GLY A 27 -13.79 -7.13 2.42
C GLY A 27 -12.90 -5.93 2.21
N ASP A 28 -11.61 -6.21 2.05
CA ASP A 28 -10.60 -5.15 1.92
C ASP A 28 -9.97 -5.28 0.54
N SER A 29 -8.73 -4.81 0.37
CA SER A 29 -8.21 -4.66 -0.99
C SER A 29 -8.25 -5.95 -1.78
N LEU A 30 -8.24 -7.11 -1.13
CA LEU A 30 -8.32 -8.36 -1.86
C LEU A 30 -9.68 -8.57 -2.50
N PHE A 31 -10.71 -7.84 -2.06
CA PHE A 31 -12.00 -7.82 -2.76
C PHE A 31 -12.18 -6.56 -3.62
N ALA A 32 -11.64 -5.44 -3.17
CA ALA A 32 -11.86 -4.17 -3.87
C ALA A 32 -11.17 -4.15 -5.23
N GLY A 33 -10.09 -4.90 -5.38
CA GLY A 33 -9.36 -4.89 -6.64
C GLY A 33 -8.35 -3.75 -6.70
N TYR A 34 -7.43 -3.75 -5.76
CA TYR A 34 -6.44 -2.69 -5.63
C TYR A 34 -5.61 -2.60 -6.91
N ARG A 35 -5.65 -1.41 -7.54
CA ARG A 35 -4.91 -1.07 -8.76
C ARG A 35 -5.28 -1.99 -9.91
N LEU A 36 -6.51 -2.49 -9.88
CA LEU A 36 -7.09 -3.27 -10.96
C LEU A 36 -8.36 -2.58 -11.45
N ASP A 37 -8.79 -2.92 -12.66
CA ASP A 37 -10.09 -2.49 -13.14
C ASP A 37 -11.21 -3.28 -12.45
N ARG A 38 -12.41 -2.69 -12.48
CA ARG A 38 -13.56 -3.31 -11.81
C ARG A 38 -13.79 -4.75 -12.28
N ASP A 39 -13.79 -4.97 -13.59
CA ASP A 39 -14.04 -6.32 -14.10
C ASP A 39 -12.90 -7.27 -13.79
N GLU A 40 -11.78 -6.78 -13.28
CA GLU A 40 -10.69 -7.69 -12.97
C GLU A 40 -10.64 -8.10 -11.51
N SER A 41 -11.48 -7.51 -10.66
CA SER A 41 -11.42 -7.77 -9.21
C SER A 41 -11.99 -9.16 -8.88
N TYR A 42 -11.60 -9.69 -7.74
CA TYR A 42 -12.07 -11.01 -7.33
C TYR A 42 -13.60 -11.10 -7.35
N PRO A 43 -14.36 -10.15 -6.81
CA PRO A 43 -15.83 -10.30 -6.89
C PRO A 43 -16.35 -10.41 -8.31
N ALA A 44 -15.82 -9.61 -9.24
CA ALA A 44 -16.29 -9.68 -10.62
C ALA A 44 -15.89 -10.98 -11.30
N ARG A 45 -14.65 -11.42 -11.11
CA ARG A 45 -14.23 -12.66 -11.72
C ARG A 45 -14.91 -13.86 -11.07
N LEU A 46 -15.17 -13.80 -9.77
CA LEU A 46 -15.96 -14.87 -9.13
C LEU A 46 -17.35 -14.94 -9.73
N GLN A 47 -18.00 -13.79 -9.89
CA GLN A 47 -19.32 -13.79 -10.50
C GLN A 47 -19.30 -14.47 -11.87
N ALA A 48 -18.33 -14.08 -12.72
CA ALA A 48 -18.25 -14.67 -14.06
C ALA A 48 -18.06 -16.17 -14.00
N ALA A 49 -17.22 -16.63 -13.07
CA ALA A 49 -16.96 -18.07 -12.98
C ALA A 49 -18.22 -18.81 -12.53
N LEU A 50 -18.98 -18.24 -11.60
CA LEU A 50 -20.19 -18.89 -11.10
C LEU A 50 -21.28 -18.93 -12.17
N ARG A 51 -21.42 -17.84 -12.93
CA ARG A 51 -22.44 -17.80 -13.98
C ARG A 51 -22.11 -18.76 -15.11
N GLU A 52 -20.81 -18.91 -15.45
CA GLU A 52 -20.38 -19.91 -16.43
C GLU A 52 -20.79 -21.31 -16.01
N ARG A 53 -20.89 -21.56 -14.71
CA ARG A 53 -21.33 -22.85 -14.22
C ARG A 53 -22.83 -22.96 -14.06
N GLY A 54 -23.57 -21.92 -14.42
CA GLY A 54 -25.02 -22.00 -14.45
C GLY A 54 -25.73 -21.38 -13.28
N LEU A 55 -25.02 -20.72 -12.36
CA LEU A 55 -25.67 -20.07 -11.24
C LEU A 55 -26.02 -18.64 -11.61
N ASN A 56 -27.23 -18.22 -11.25
CA ASN A 56 -27.70 -16.89 -11.58
C ASN A 56 -27.36 -15.93 -10.43
N VAL A 57 -26.06 -15.64 -10.33
CA VAL A 57 -25.54 -14.88 -9.20
C VAL A 57 -25.19 -13.45 -9.61
N ASN A 58 -25.44 -12.53 -8.69
CA ASN A 58 -25.00 -11.13 -8.74
C ASN A 58 -24.09 -10.92 -7.54
N VAL A 59 -22.80 -10.69 -7.78
CA VAL A 59 -21.88 -10.39 -6.67
C VAL A 59 -21.67 -8.90 -6.58
N THR A 60 -22.06 -8.32 -5.43
CA THR A 60 -21.81 -6.92 -5.15
C THR A 60 -20.43 -6.77 -4.52
N ASN A 61 -19.59 -5.94 -5.13
CA ASN A 61 -18.24 -5.69 -4.60
C ASN A 61 -18.32 -4.59 -3.55
N ALA A 62 -18.34 -4.99 -2.28
CA ALA A 62 -18.20 -4.09 -1.16
C ALA A 62 -16.81 -4.14 -0.54
N GLY A 63 -15.79 -4.42 -1.37
CA GLY A 63 -14.44 -4.32 -0.87
C GLY A 63 -13.99 -2.87 -0.82
N VAL A 64 -13.22 -2.55 0.22
CA VAL A 64 -12.63 -1.22 0.42
C VAL A 64 -11.17 -1.40 0.81
N SER A 65 -10.27 -0.98 -0.07
CA SER A 65 -8.86 -1.11 0.24
C SER A 65 -8.53 -0.35 1.52
N GLY A 66 -7.74 -0.97 2.36
CA GLY A 66 -7.37 -0.34 3.61
C GLY A 66 -8.26 -0.68 4.78
N ASP A 67 -9.43 -1.28 4.55
CA ASP A 67 -10.34 -1.54 5.64
C ASP A 67 -9.74 -2.51 6.64
N THR A 68 -9.74 -2.11 7.91
CA THR A 68 -9.50 -3.00 9.05
C THR A 68 -10.82 -3.68 9.46
N THR A 69 -10.71 -4.62 10.41
CA THR A 69 -11.94 -5.23 10.98
C THR A 69 -12.80 -4.16 11.64
N ALA A 70 -12.17 -3.16 12.27
CA ALA A 70 -12.95 -2.11 12.92
C ALA A 70 -13.68 -1.27 11.89
N ALA A 71 -13.02 -0.95 10.78
CA ALA A 71 -13.67 -0.20 9.70
C ALA A 71 -14.82 -1.00 9.11
N GLY A 72 -14.60 -2.28 8.85
CA GLY A 72 -15.69 -3.11 8.35
C GLY A 72 -16.88 -3.15 9.28
N LEU A 73 -16.63 -3.31 10.58
CA LEU A 73 -17.72 -3.35 11.54
C LEU A 73 -18.51 -2.06 11.49
N GLN A 74 -17.80 -0.94 11.32
CA GLN A 74 -18.45 0.36 11.30
C GLN A 74 -19.39 0.52 10.13
N ARG A 75 -19.12 -0.13 8.98
CA ARG A 75 -19.94 0.10 7.79
C ARG A 75 -20.83 -1.07 7.40
N ILE A 76 -20.75 -2.21 8.08
CA ILE A 76 -21.52 -3.37 7.62
C ILE A 76 -23.01 -3.05 7.59
N ASP A 77 -23.54 -2.41 8.64
CA ASP A 77 -24.98 -2.13 8.67
C ASP A 77 -25.38 -1.17 7.54
N PHE A 78 -24.60 -0.10 7.36
CA PHE A 78 -24.86 0.85 6.29
C PHE A 78 -24.84 0.15 4.93
N VAL A 79 -23.87 -0.75 4.72
CA VAL A 79 -23.76 -1.43 3.44
C VAL A 79 -24.97 -2.33 3.22
N LEU A 80 -25.33 -3.11 4.24
CA LEU A 80 -26.51 -3.96 4.13
C LEU A 80 -27.77 -3.14 3.91
N ASP A 81 -27.97 -2.09 4.73
CA ASP A 81 -29.18 -1.28 4.63
C ASP A 81 -29.26 -0.53 3.29
N SER A 82 -28.21 -0.54 2.50
CA SER A 82 -28.19 0.13 1.20
C SER A 82 -28.44 -0.82 0.05
N MET A 83 -28.54 -2.13 0.32
CA MET A 83 -28.89 -3.07 -0.73
C MET A 83 -30.41 -3.11 -0.92
N ALA A 84 -30.82 -3.51 -2.14
CA ALA A 84 -32.23 -3.75 -2.46
C ALA A 84 -32.60 -5.13 -1.92
N GLY A 85 -32.93 -5.16 -0.64
CA GLY A 85 -33.12 -6.43 0.04
C GLY A 85 -31.81 -7.02 0.53
N GLU A 86 -31.93 -7.90 1.52
CA GLU A 86 -30.76 -8.46 2.14
C GLU A 86 -30.12 -9.49 1.22
N PRO A 87 -28.79 -9.60 1.25
CA PRO A 87 -28.14 -10.58 0.40
C PRO A 87 -28.47 -12.00 0.85
N ASP A 88 -28.36 -12.90 -0.11
CA ASP A 88 -28.55 -14.31 0.15
C ASP A 88 -27.33 -14.95 0.79
N LEU A 89 -26.15 -14.32 0.65
CA LEU A 89 -24.89 -14.85 1.12
C LEU A 89 -23.93 -13.69 1.24
N VAL A 90 -23.12 -13.73 2.28
CA VAL A 90 -22.05 -12.76 2.45
C VAL A 90 -20.71 -13.50 2.42
N LEU A 91 -19.76 -12.95 1.68
CA LEU A 91 -18.37 -13.37 1.74
C LEU A 91 -17.63 -12.36 2.62
N LEU A 92 -17.13 -12.80 3.77
CA LEU A 92 -16.50 -11.92 4.76
C LEU A 92 -14.98 -12.10 4.72
N GLU A 93 -14.25 -10.99 4.37
CA GLU A 93 -12.81 -11.06 4.14
C GLU A 93 -12.11 -9.83 4.75
N LEU A 94 -11.81 -9.92 6.04
CA LEU A 94 -11.14 -8.83 6.74
C LEU A 94 -10.12 -9.39 7.72
N GLY A 95 -9.20 -8.52 8.14
CA GLY A 95 -8.15 -8.91 9.06
C GLY A 95 -6.75 -8.61 8.57
N ALA A 96 -6.54 -8.69 7.27
CA ALA A 96 -5.21 -8.44 6.72
C ALA A 96 -4.66 -7.08 7.14
N ASN A 97 -5.48 -6.03 7.11
CA ASN A 97 -4.94 -4.70 7.43
C ASN A 97 -4.64 -4.55 8.92
N ASP A 98 -5.45 -5.15 9.78
CA ASP A 98 -5.13 -5.18 11.20
C ASP A 98 -3.74 -5.75 11.41
N MET A 99 -3.51 -6.90 10.79
CA MET A 99 -2.25 -7.64 10.88
C MET A 99 -1.10 -6.81 10.33
N LEU A 100 -1.28 -6.27 9.13
CA LEU A 100 -0.20 -5.52 8.49
C LEU A 100 0.21 -4.29 9.30
N ARG A 101 -0.71 -3.75 10.09
CA ARG A 101 -0.50 -2.57 10.93
C ARG A 101 -0.15 -2.94 12.36
N GLY A 102 0.00 -4.22 12.65
CA GLY A 102 0.33 -4.65 14.00
C GLY A 102 -0.73 -4.31 15.02
N LEU A 103 -1.98 -4.21 14.60
CA LEU A 103 -3.08 -3.98 15.54
C LEU A 103 -3.35 -5.26 16.31
N PRO A 104 -3.95 -5.16 17.49
CA PRO A 104 -4.09 -6.36 18.35
C PRO A 104 -4.95 -7.45 17.70
N ALA A 105 -4.45 -8.69 17.76
CA ALA A 105 -5.20 -9.81 17.20
C ALA A 105 -6.53 -9.98 17.94
N GLU A 106 -6.53 -9.76 19.26
CA GLU A 106 -7.75 -9.92 20.04
C GLU A 106 -8.81 -8.92 19.60
N GLU A 107 -8.41 -7.73 19.17
CA GLU A 107 -9.38 -6.75 18.71
C GLU A 107 -9.93 -7.13 17.32
N ALA A 108 -9.08 -7.68 16.46
CA ALA A 108 -9.57 -8.20 15.18
C ALA A 108 -10.58 -9.32 15.41
N ARG A 109 -10.29 -10.22 16.35
CA ARG A 109 -11.19 -11.30 16.71
C ARG A 109 -12.53 -10.75 17.20
N ARG A 110 -12.49 -9.76 18.10
CA ARG A 110 -13.70 -9.19 18.67
C ARG A 110 -14.54 -8.52 17.59
N ASN A 111 -13.92 -7.78 16.70
CA ASN A 111 -14.67 -7.10 15.66
C ASN A 111 -15.28 -8.09 14.67
N LEU A 112 -14.52 -9.12 14.27
CA LEU A 112 -15.10 -10.12 13.38
C LEU A 112 -16.24 -10.85 14.07
N ASP A 113 -16.08 -11.17 15.35
CA ASP A 113 -17.17 -11.79 16.10
C ASP A 113 -18.43 -10.94 16.04
N THR A 114 -18.29 -9.63 16.25
CA THR A 114 -19.46 -8.77 16.26
C THR A 114 -20.13 -8.72 14.89
N ILE A 115 -19.31 -8.65 13.83
CA ILE A 115 -19.86 -8.72 12.48
C ILE A 115 -20.67 -10.00 12.30
N LEU A 116 -20.09 -11.15 12.68
CA LEU A 116 -20.78 -12.41 12.46
C LEU A 116 -22.06 -12.46 13.28
N GLN A 117 -22.03 -11.85 14.47
CA GLN A 117 -23.22 -11.76 15.33
C GLN A 117 -24.34 -10.98 14.64
N ARG A 118 -24.01 -9.84 14.03
CA ARG A 118 -25.02 -9.06 13.33
C ARG A 118 -25.56 -9.79 12.12
N LEU A 119 -24.71 -10.56 11.42
CA LEU A 119 -25.18 -11.36 10.29
C LEU A 119 -26.03 -12.54 10.77
N ASP A 120 -25.67 -13.15 11.89
CA ASP A 120 -26.51 -14.18 12.50
C ASP A 120 -27.90 -13.61 12.82
N GLN A 121 -27.93 -12.43 13.41
CA GLN A 121 -29.20 -11.81 13.77
C GLN A 121 -30.08 -11.50 12.57
N ARG A 122 -29.49 -11.24 11.41
CA ARG A 122 -30.26 -11.02 10.19
C ARG A 122 -30.49 -12.29 9.40
N ASP A 123 -30.04 -13.44 9.94
CA ASP A 123 -30.13 -14.74 9.29
C ASP A 123 -29.52 -14.74 7.89
N ILE A 124 -28.38 -14.08 7.73
CA ILE A 124 -27.68 -14.06 6.44
C ILE A 124 -26.51 -15.05 6.52
N PRO A 125 -26.50 -16.11 5.72
CA PRO A 125 -25.35 -17.02 5.72
C PRO A 125 -24.06 -16.30 5.34
N VAL A 126 -22.94 -16.85 5.83
CA VAL A 126 -21.62 -16.21 5.67
C VAL A 126 -20.57 -17.26 5.36
N MET A 127 -19.63 -16.90 4.50
CA MET A 127 -18.38 -17.64 4.33
C MET A 127 -17.26 -16.76 4.85
N VAL A 128 -16.48 -17.29 5.78
CA VAL A 128 -15.37 -16.56 6.39
C VAL A 128 -14.10 -16.86 5.60
N TYR A 129 -13.53 -15.83 4.96
CA TYR A 129 -12.27 -15.97 4.22
C TYR A 129 -11.12 -15.86 5.22
N GLY A 130 -10.40 -16.95 5.43
CA GLY A 130 -9.30 -16.93 6.39
C GLY A 130 -8.12 -16.13 5.90
N MET A 131 -7.34 -15.61 6.83
CA MET A 131 -6.16 -14.81 6.54
C MET A 131 -5.06 -15.31 7.45
N ARG A 132 -3.82 -15.14 7.00
CA ARG A 132 -2.66 -15.63 7.76
C ARG A 132 -1.75 -14.46 8.03
N ALA A 133 -1.14 -14.44 9.22
CA ALA A 133 -0.27 -13.34 9.60
C ALA A 133 1.06 -13.46 8.86
N ALA A 134 1.58 -12.31 8.43
CA ALA A 134 2.87 -12.27 7.77
C ALA A 134 3.98 -12.64 8.74
N PRO A 135 5.09 -13.19 8.22
CA PRO A 135 6.21 -13.56 9.12
C PRO A 135 6.79 -12.39 9.93
N ASN A 136 6.81 -11.17 9.38
CA ASN A 136 7.25 -9.97 10.11
C ASN A 136 6.57 -9.83 11.47
N LEU A 137 5.45 -10.53 11.71
CA LEU A 137 4.69 -10.33 12.94
C LEU A 137 5.12 -11.23 14.09
N GLY A 138 5.86 -12.29 13.82
CA GLY A 138 6.33 -13.15 14.88
C GLY A 138 5.35 -14.27 15.21
N GLY A 139 5.90 -15.30 15.87
CA GLY A 139 5.15 -16.54 16.03
C GLY A 139 3.95 -16.41 16.94
N ASP A 140 4.09 -15.67 18.03
CA ASP A 140 3.00 -15.53 18.99
C ASP A 140 1.79 -14.84 18.35
N TYR A 141 2.03 -13.72 17.68
CA TYR A 141 0.95 -13.01 17.00
C TYR A 141 0.30 -13.92 15.99
N GLY A 142 1.11 -14.59 15.17
CA GLY A 142 0.56 -15.46 14.14
C GLY A 142 -0.37 -16.50 14.70
N ARG A 143 -0.02 -17.11 15.83
CA ARG A 143 -0.88 -18.16 16.37
C ARG A 143 -2.18 -17.58 16.87
N SER A 144 -2.15 -16.39 17.46
CA SER A 144 -3.37 -15.76 17.95
C SER A 144 -4.23 -15.20 16.81
N PHE A 145 -3.60 -14.73 15.73
CA PHE A 145 -4.34 -14.17 14.61
C PHE A 145 -4.89 -15.27 13.70
N ASP A 146 -4.04 -16.25 13.36
CA ASP A 146 -4.43 -17.22 12.36
C ASP A 146 -5.60 -18.08 12.83
N SER A 147 -5.73 -18.27 14.15
CA SER A 147 -6.81 -19.09 14.67
C SER A 147 -8.15 -18.35 14.72
N ILE A 148 -8.16 -17.03 14.55
CA ILE A 148 -9.41 -16.26 14.59
C ILE A 148 -10.43 -16.88 13.65
N PHE A 149 -10.00 -17.16 12.43
CA PHE A 149 -10.94 -17.52 11.36
C PHE A 149 -11.54 -18.89 11.53
N PRO A 150 -10.76 -19.98 11.72
CA PRO A 150 -11.45 -21.26 12.03
C PRO A 150 -12.23 -21.23 13.34
N ASP A 151 -11.72 -20.52 14.36
CA ASP A 151 -12.46 -20.43 15.61
C ASP A 151 -13.82 -19.79 15.39
N LEU A 152 -13.86 -18.63 14.71
CA LEU A 152 -15.11 -17.93 14.52
C LEU A 152 -16.02 -18.65 13.52
N ALA A 153 -15.44 -19.24 12.47
CA ALA A 153 -16.26 -20.06 11.58
C ALA A 153 -16.95 -21.19 12.34
N ASP A 154 -16.22 -21.89 13.22
CA ASP A 154 -16.86 -22.95 13.99
C ASP A 154 -17.93 -22.40 14.95
N LYS A 155 -17.60 -21.32 15.66
CA LYS A 155 -18.55 -20.75 16.61
C LYS A 155 -19.86 -20.39 15.92
N TYR A 156 -19.80 -19.79 14.73
CA TYR A 156 -21.00 -19.29 14.08
C TYR A 156 -21.55 -20.24 13.02
N ASP A 157 -21.00 -21.45 12.94
CA ASP A 157 -21.42 -22.45 11.98
C ASP A 157 -21.38 -21.91 10.55
N ALA A 158 -20.33 -21.13 10.27
CA ALA A 158 -20.05 -20.58 8.95
C ALA A 158 -18.98 -21.41 8.27
N GLU A 159 -18.95 -21.40 6.95
CA GLU A 159 -17.86 -22.06 6.25
C GLU A 159 -16.58 -21.24 6.36
N LEU A 160 -15.45 -21.94 6.42
CA LEU A 160 -14.13 -21.33 6.32
C LEU A 160 -13.59 -21.54 4.90
N VAL A 161 -13.23 -20.45 4.24
CA VAL A 161 -12.51 -20.51 2.97
C VAL A 161 -11.03 -20.39 3.30
N PRO A 162 -10.25 -21.48 3.22
CA PRO A 162 -8.90 -21.36 3.55
C PRO A 162 -8.03 -20.50 2.65
N PHE A 163 -7.49 -19.46 3.26
CA PHE A 163 -6.45 -18.71 2.77
C PHE A 163 -6.30 -18.48 1.28
N PHE A 164 -7.36 -17.89 0.72
CA PHE A 164 -7.48 -17.93 -0.72
C PHE A 164 -6.35 -17.22 -1.58
N ILE A 165 -5.37 -16.54 -0.97
CA ILE A 165 -4.24 -15.96 -1.70
C ILE A 165 -3.02 -16.89 -1.67
N GLU A 166 -3.21 -18.11 -1.16
CA GLU A 166 -2.15 -19.12 -1.22
C GLU A 166 -1.43 -19.18 -2.56
N PRO A 167 -2.10 -19.18 -3.71
CA PRO A 167 -1.37 -19.19 -4.98
C PRO A 167 -0.47 -17.98 -5.16
N LEU A 168 -0.76 -16.86 -4.49
CA LEU A 168 0.10 -15.68 -4.65
C LEU A 168 1.41 -15.85 -3.91
N ILE A 169 1.41 -16.59 -2.80
CA ILE A 169 2.62 -16.74 -1.99
C ILE A 169 3.71 -17.40 -2.81
N PHE A 170 3.32 -18.28 -3.73
CA PHE A 170 4.26 -19.20 -4.36
C PHE A 170 4.62 -18.82 -5.79
N ASP A 171 4.02 -17.77 -6.33
CA ASP A 171 4.25 -17.42 -7.74
C ASP A 171 4.20 -15.90 -7.85
N ARG A 172 5.39 -15.27 -7.83
CA ARG A 172 5.54 -13.83 -7.92
C ARG A 172 4.90 -13.26 -9.18
N SER A 173 4.76 -14.06 -10.23
CA SER A 173 4.14 -13.55 -11.43
C SER A 173 2.67 -13.20 -11.21
N LEU A 174 2.06 -13.66 -10.11
CA LEU A 174 0.65 -13.38 -9.83
C LEU A 174 0.46 -12.18 -8.90
N VAL A 175 1.55 -11.50 -8.56
CA VAL A 175 1.57 -10.48 -7.53
C VAL A 175 2.12 -9.21 -8.15
N GLN A 176 1.52 -8.06 -7.80
CA GLN A 176 1.97 -6.78 -8.32
C GLN A 176 3.36 -6.47 -7.77
N GLN A 177 4.29 -6.14 -8.68
CA GLN A 177 5.68 -5.90 -8.32
C GLN A 177 6.12 -4.45 -8.51
N ASP A 178 5.19 -3.55 -8.84
CA ASP A 178 5.55 -2.18 -9.22
C ASP A 178 5.82 -1.27 -8.03
N GLN A 179 5.38 -1.68 -6.84
CA GLN A 179 5.42 -0.83 -5.65
C GLN A 179 6.37 -1.49 -4.66
N LEU A 180 7.52 -0.86 -4.43
CA LEU A 180 8.56 -1.44 -3.58
C LEU A 180 8.67 -0.61 -2.30
N HIS A 181 8.53 -1.27 -1.15
CA HIS A 181 8.75 -0.59 0.12
C HIS A 181 9.93 -1.24 0.82
N PRO A 182 10.91 -0.46 1.25
CA PRO A 182 12.09 -1.06 1.91
C PRO A 182 11.79 -1.64 3.28
N THR A 183 12.46 -2.74 3.59
CA THR A 183 12.67 -3.16 4.97
C THR A 183 13.62 -2.18 5.66
N ALA A 184 13.82 -2.36 6.98
CA ALA A 184 14.80 -1.55 7.67
C ALA A 184 16.17 -1.73 7.04
N GLN A 185 16.51 -2.94 6.66
CA GLN A 185 17.80 -3.24 5.98
C GLN A 185 17.79 -2.51 4.64
N GLY A 186 16.69 -2.52 3.86
CA GLY A 186 16.60 -1.79 2.60
C GLY A 186 16.84 -0.30 2.78
N VAL A 187 16.38 0.26 3.89
CA VAL A 187 16.65 1.67 4.15
C VAL A 187 18.16 1.89 4.32
N ASP A 188 18.82 1.02 5.08
CA ASP A 188 20.27 1.14 5.24
C ASP A 188 20.96 1.15 3.87
N ALA A 189 20.49 0.32 2.95
CA ALA A 189 21.08 0.26 1.62
C ALA A 189 20.85 1.57 0.85
N MET A 190 19.66 2.15 1.00
CA MET A 190 19.36 3.44 0.38
C MET A 190 20.24 4.56 0.96
N VAL A 191 20.51 4.53 2.26
CA VAL A 191 21.43 5.50 2.85
C VAL A 191 22.84 5.29 2.29
N GLU A 192 23.30 4.05 2.24
CA GLU A 192 24.66 3.81 1.72
C GLU A 192 24.79 4.27 0.28
N GLN A 193 23.70 4.19 -0.49
CA GLN A 193 23.69 4.61 -1.88
C GLN A 193 23.71 6.14 -2.05
N THR A 194 23.27 6.91 -1.05
CA THR A 194 23.10 8.36 -1.22
C THR A 194 23.95 9.21 -0.26
N VAL A 195 24.54 8.64 0.79
CA VAL A 195 25.13 9.46 1.85
C VAL A 195 26.29 10.29 1.33
N GLU A 196 27.11 9.73 0.45
CA GLU A 196 28.27 10.50 -0.01
C GLU A 196 27.83 11.76 -0.74
N GLN A 197 26.79 11.64 -1.58
CA GLN A 197 26.29 12.80 -2.32
C GLN A 197 25.64 13.80 -1.37
N VAL A 198 24.84 13.32 -0.42
CA VAL A 198 24.23 14.25 0.52
C VAL A 198 25.30 14.92 1.37
N GLU A 199 26.29 14.15 1.84
CA GLU A 199 27.38 14.71 2.64
C GLU A 199 28.08 15.82 1.87
N ASP A 200 28.40 15.58 0.59
CA ASP A 200 29.07 16.60 -0.20
C ASP A 200 28.20 17.84 -0.31
N ARG A 201 26.89 17.68 -0.51
CA ARG A 201 26.04 18.83 -0.71
C ARG A 201 25.94 19.66 0.55
N ILE A 202 25.84 18.99 1.70
CA ILE A 202 25.79 19.71 2.98
C ILE A 202 27.13 20.37 3.30
N ASP A 203 28.23 19.64 3.13
CA ASP A 203 29.56 20.24 3.31
C ASP A 203 29.73 21.48 2.47
N ASP A 204 29.16 21.51 1.27
CA ASP A 204 29.35 22.63 0.35
C ASP A 204 28.39 23.79 0.58
N LEU A 205 27.51 23.70 1.56
CA LEU A 205 26.60 24.82 1.83
C LEU A 205 27.35 26.08 2.32
N ASP B 12 36.69 5.75 13.96
CA ASP B 12 36.18 5.98 12.61
C ASP B 12 35.15 7.13 12.61
N ALA B 13 34.27 7.16 13.62
CA ALA B 13 33.27 8.20 13.71
C ALA B 13 33.89 9.57 14.02
N VAL B 14 33.27 10.63 13.51
CA VAL B 14 33.69 12.01 13.74
C VAL B 14 32.61 12.73 14.53
N MET B 15 33.00 13.30 15.66
CA MET B 15 32.07 14.06 16.48
C MET B 15 31.48 15.20 15.68
N PRO B 16 30.16 15.35 15.65
CA PRO B 16 29.57 16.52 14.99
C PRO B 16 29.98 17.82 15.70
N THR B 17 30.41 18.78 14.91
CA THR B 17 30.72 20.13 15.39
C THR B 17 30.11 21.13 14.42
N GLY B 18 30.09 22.38 14.83
CA GLY B 18 29.63 23.44 13.97
C GLY B 18 28.18 23.75 14.25
N PRO B 19 27.65 24.80 13.64
CA PRO B 19 26.24 25.13 13.88
C PRO B 19 25.33 24.07 13.27
N ALA B 20 24.13 23.96 13.84
CA ALA B 20 23.16 22.97 13.40
C ALA B 20 22.71 23.26 11.96
N ILE B 21 22.60 22.20 11.18
CA ILE B 21 22.17 22.26 9.78
C ILE B 21 20.82 21.57 9.70
N ASP B 22 19.80 22.29 9.30
CA ASP B 22 18.45 21.74 9.26
C ASP B 22 18.14 21.25 7.84
N VAL B 23 17.87 19.96 7.72
CA VAL B 23 17.51 19.34 6.45
C VAL B 23 16.06 18.89 6.51
N LEU B 24 15.29 19.28 5.52
CA LEU B 24 13.90 18.85 5.43
C LEU B 24 13.77 17.73 4.41
N ALA B 25 13.24 16.58 4.86
CA ALA B 25 13.01 15.44 3.98
C ALA B 25 11.53 15.44 3.58
N PHE B 26 11.26 15.90 2.37
CA PHE B 26 9.91 16.15 1.89
C PHE B 26 9.58 15.12 0.81
N GLY B 27 8.78 14.13 1.14
CA GLY B 27 8.53 13.04 0.21
C GLY B 27 7.32 12.22 0.59
N ASP B 28 7.28 11.00 0.06
CA ASP B 28 6.16 10.07 0.20
C ASP B 28 6.68 8.87 1.00
N SER B 29 6.00 7.73 0.88
CA SER B 29 6.31 6.54 1.66
C SER B 29 7.79 6.24 1.79
N LEU B 30 8.58 6.56 0.78
CA LEU B 30 10.01 6.26 0.83
C LEU B 30 10.77 7.16 1.79
N PHE B 31 10.19 8.30 2.19
CA PHE B 31 10.70 9.07 3.32
C PHE B 31 9.94 8.79 4.63
N ALA B 32 8.63 8.49 4.54
CA ALA B 32 7.83 8.34 5.75
C ALA B 32 8.22 7.12 6.56
N GLY B 33 8.68 6.05 5.92
CA GLY B 33 9.02 4.81 6.61
C GLY B 33 7.82 3.90 6.75
N TYR B 34 7.19 3.63 5.62
CA TYR B 34 5.99 2.80 5.59
C TYR B 34 6.24 1.47 6.28
N ARG B 35 5.43 1.21 7.30
CA ARG B 35 5.47 -0.01 8.12
C ARG B 35 6.78 -0.21 8.85
N LEU B 36 7.53 0.87 9.05
CA LEU B 36 8.73 0.82 9.88
C LEU B 36 8.59 1.74 11.10
N ASP B 37 9.43 1.53 12.13
CA ASP B 37 9.54 2.55 13.17
C ASP B 37 10.09 3.85 12.58
N ARG B 38 9.65 4.99 13.12
CA ARG B 38 10.12 6.27 12.60
C ARG B 38 11.64 6.34 12.59
N ASP B 39 12.31 5.78 13.61
CA ASP B 39 13.77 5.85 13.68
C ASP B 39 14.44 4.91 12.70
N GLU B 40 13.68 4.06 12.03
CA GLU B 40 14.21 3.21 10.97
C GLU B 40 13.97 3.78 9.56
N SER B 41 13.33 4.92 9.43
CA SER B 41 13.00 5.48 8.12
C SER B 41 14.25 6.11 7.51
N TYR B 42 14.18 6.35 6.21
CA TYR B 42 15.34 6.88 5.50
C TYR B 42 15.82 8.20 6.10
N PRO B 43 14.96 9.15 6.40
CA PRO B 43 15.47 10.42 6.99
C PRO B 43 16.21 10.22 8.30
N ALA B 44 15.71 9.36 9.19
CA ALA B 44 16.37 9.16 10.46
C ALA B 44 17.71 8.44 10.28
N ARG B 45 17.75 7.42 9.42
CA ARG B 45 18.99 6.69 9.22
C ARG B 45 19.99 7.53 8.46
N LEU B 46 19.52 8.37 7.54
CA LEU B 46 20.41 9.31 6.86
C LEU B 46 21.00 10.32 7.84
N GLN B 47 20.18 10.90 8.71
CA GLN B 47 20.69 11.76 9.78
C GLN B 47 21.84 11.09 10.54
N ALA B 48 21.60 9.86 11.00
CA ALA B 48 22.61 9.15 11.76
C ALA B 48 23.89 8.97 10.94
N ALA B 49 23.76 8.62 9.66
CA ALA B 49 24.95 8.43 8.86
C ALA B 49 25.70 9.74 8.61
N LEU B 50 24.98 10.86 8.45
CA LEU B 50 25.65 12.15 8.27
C LEU B 50 26.39 12.60 9.54
N ARG B 51 25.77 12.38 10.71
CA ARG B 51 26.35 12.80 11.98
C ARG B 51 27.58 11.97 12.31
N GLU B 52 27.55 10.68 11.94
CA GLU B 52 28.72 9.82 12.09
C GLU B 52 29.90 10.32 11.29
N ARG B 53 29.64 11.07 10.22
CA ARG B 53 30.67 11.71 9.41
C ARG B 53 31.01 13.14 9.87
N GLY B 54 30.44 13.60 10.96
CA GLY B 54 30.88 14.82 11.58
C GLY B 54 30.03 16.01 11.27
N LEU B 55 28.92 15.82 10.54
CA LEU B 55 28.02 16.92 10.23
C LEU B 55 26.96 17.06 11.30
N ASN B 56 26.78 18.29 11.79
CA ASN B 56 25.78 18.56 12.83
C ASN B 56 24.42 18.81 12.19
N VAL B 57 23.83 17.72 11.69
CA VAL B 57 22.59 17.73 10.92
C VAL B 57 21.41 17.24 11.73
N ASN B 58 20.27 17.91 11.56
CA ASN B 58 18.96 17.47 12.01
C ASN B 58 18.07 17.33 10.79
N VAL B 59 17.60 16.11 10.53
CA VAL B 59 16.72 15.84 9.40
C VAL B 59 15.30 15.75 9.95
N THR B 60 14.44 16.63 9.45
CA THR B 60 13.00 16.59 9.76
C THR B 60 12.31 15.68 8.74
N ASN B 61 11.61 14.67 9.23
CA ASN B 61 10.90 13.77 8.35
C ASN B 61 9.54 14.37 8.01
N ALA B 62 9.40 14.90 6.80
CA ALA B 62 8.10 15.30 6.29
C ALA B 62 7.62 14.36 5.18
N GLY B 63 7.92 13.07 5.30
CA GLY B 63 7.36 12.11 4.35
C GLY B 63 5.92 11.79 4.73
N VAL B 64 5.08 11.67 3.72
CA VAL B 64 3.70 11.26 3.91
C VAL B 64 3.40 10.12 2.93
N SER B 65 3.12 8.94 3.47
CA SER B 65 2.78 7.81 2.61
C SER B 65 1.55 8.16 1.78
N GLY B 66 1.62 7.88 0.49
CA GLY B 66 0.52 8.18 -0.41
C GLY B 66 0.54 9.54 -1.07
N ASP B 67 1.46 10.43 -0.69
CA ASP B 67 1.47 11.76 -1.27
C ASP B 67 1.83 11.72 -2.74
N THR B 68 1.00 12.39 -3.55
CA THR B 68 1.27 12.67 -4.95
C THR B 68 2.02 13.99 -5.04
N THR B 69 2.50 14.34 -6.23
CA THR B 69 3.08 15.66 -6.37
C THR B 69 2.05 16.76 -6.09
N ALA B 70 0.78 16.53 -6.41
CA ALA B 70 -0.24 17.52 -6.09
C ALA B 70 -0.38 17.70 -4.59
N ALA B 71 -0.41 16.60 -3.84
CA ALA B 71 -0.54 16.69 -2.40
C ALA B 71 0.67 17.39 -1.79
N GLY B 72 1.85 17.08 -2.32
CA GLY B 72 3.04 17.76 -1.83
C GLY B 72 2.96 19.25 -2.04
N LEU B 73 2.54 19.68 -3.24
CA LEU B 73 2.46 21.11 -3.53
C LEU B 73 1.49 21.79 -2.57
N GLN B 74 0.39 21.13 -2.28
CA GLN B 74 -0.64 21.67 -1.41
C GLN B 74 -0.08 21.97 -0.02
N ARG B 75 0.84 21.14 0.47
CA ARG B 75 1.32 21.34 1.84
C ARG B 75 2.74 21.91 1.98
N ILE B 76 3.49 22.10 0.89
CA ILE B 76 4.89 22.47 1.05
C ILE B 76 5.04 23.79 1.80
N ASP B 77 4.24 24.80 1.48
CA ASP B 77 4.44 26.06 2.18
C ASP B 77 4.11 25.92 3.66
N PHE B 78 3.10 25.14 4.00
CA PHE B 78 2.78 24.98 5.41
C PHE B 78 3.87 24.21 6.14
N VAL B 79 4.41 23.18 5.51
CA VAL B 79 5.44 22.38 6.17
C VAL B 79 6.67 23.25 6.42
N LEU B 80 7.03 24.07 5.44
CA LEU B 80 8.18 24.95 5.62
C LEU B 80 7.94 25.96 6.72
N ASP B 81 6.75 26.58 6.69
CA ASP B 81 6.41 27.59 7.71
C ASP B 81 6.44 26.98 9.11
N SER B 82 6.12 25.70 9.21
CA SER B 82 6.01 25.09 10.53
C SER B 82 7.36 24.72 11.13
N MET B 83 8.46 24.85 10.39
CA MET B 83 9.77 24.62 10.95
C MET B 83 10.23 25.84 11.75
N ALA B 84 11.23 25.62 12.61
CA ALA B 84 11.83 26.69 13.41
C ALA B 84 12.89 27.40 12.56
N GLY B 85 12.42 28.30 11.71
CA GLY B 85 13.26 28.90 10.69
C GLY B 85 13.34 28.06 9.43
N GLU B 86 13.68 28.71 8.32
CA GLU B 86 13.80 28.01 7.04
C GLU B 86 14.83 26.91 7.15
N PRO B 87 14.61 25.77 6.51
CA PRO B 87 15.66 24.74 6.50
C PRO B 87 16.83 25.17 5.62
N ASP B 88 17.96 24.52 5.86
CA ASP B 88 19.15 24.79 5.08
C ASP B 88 19.17 24.02 3.77
N LEU B 89 18.39 22.96 3.66
CA LEU B 89 18.42 22.08 2.50
C LEU B 89 17.12 21.31 2.50
N VAL B 90 16.53 21.13 1.32
CA VAL B 90 15.36 20.29 1.16
C VAL B 90 15.74 19.08 0.32
N LEU B 91 15.31 17.90 0.77
CA LEU B 91 15.33 16.69 -0.05
C LEU B 91 13.92 16.48 -0.59
N LEU B 92 13.76 16.52 -1.92
CA LEU B 92 12.43 16.48 -2.56
C LEU B 92 12.25 15.16 -3.29
N GLU B 93 11.31 14.35 -2.82
CA GLU B 93 11.13 12.98 -3.30
C GLU B 93 9.64 12.70 -3.46
N LEU B 94 9.12 13.06 -4.65
CA LEU B 94 7.73 12.85 -5.00
C LEU B 94 7.64 12.43 -6.45
N GLY B 95 6.51 11.80 -6.78
CA GLY B 95 6.26 11.37 -8.15
C GLY B 95 5.85 9.91 -8.25
N ALA B 96 6.34 9.07 -7.33
CA ALA B 96 6.04 7.64 -7.39
C ALA B 96 4.54 7.40 -7.36
N ASN B 97 3.81 8.08 -6.48
CA ASN B 97 2.37 7.82 -6.35
C ASN B 97 1.60 8.33 -7.58
N ASP B 98 2.06 9.40 -8.21
CA ASP B 98 1.43 9.83 -9.46
C ASP B 98 1.50 8.72 -10.50
N MET B 99 2.70 8.17 -10.68
CA MET B 99 2.97 7.10 -11.62
C MET B 99 2.16 5.85 -11.29
N LEU B 100 2.17 5.42 -10.01
CA LEU B 100 1.44 4.23 -9.62
C LEU B 100 -0.07 4.38 -9.80
N ARG B 101 -0.58 5.61 -9.74
CA ARG B 101 -2.00 5.88 -9.94
C ARG B 101 -2.35 6.22 -11.37
N GLY B 102 -1.38 6.15 -12.27
CA GLY B 102 -1.57 6.48 -13.66
C GLY B 102 -1.91 7.91 -13.95
N LEU B 103 -1.54 8.85 -13.08
CA LEU B 103 -1.79 10.26 -13.36
C LEU B 103 -0.85 10.72 -14.47
N PRO B 104 -1.19 11.80 -15.15
CA PRO B 104 -0.38 12.19 -16.31
C PRO B 104 0.99 12.67 -15.87
N ALA B 105 2.02 12.24 -16.63
CA ALA B 105 3.39 12.65 -16.33
C ALA B 105 3.52 14.16 -16.38
N GLU B 106 2.72 14.80 -17.22
CA GLU B 106 2.78 16.25 -17.38
C GLU B 106 2.31 16.96 -16.12
N GLU B 107 1.30 16.41 -15.44
CA GLU B 107 0.84 17.02 -14.20
C GLU B 107 1.90 16.91 -13.11
N ALA B 108 2.54 15.74 -12.98
CA ALA B 108 3.63 15.60 -12.02
C ALA B 108 4.73 16.61 -12.31
N ARG B 109 5.10 16.77 -13.58
CA ARG B 109 6.15 17.70 -13.95
C ARG B 109 5.78 19.12 -13.52
N ARG B 110 4.53 19.50 -13.79
CA ARG B 110 4.07 20.83 -13.46
C ARG B 110 4.05 21.05 -11.95
N ASN B 111 3.60 20.06 -11.18
CA ASN B 111 3.53 20.25 -9.73
C ASN B 111 4.92 20.32 -9.10
N LEU B 112 5.85 19.47 -9.55
CA LEU B 112 7.23 19.53 -9.08
C LEU B 112 7.91 20.83 -9.52
N ASP B 113 7.63 21.29 -10.73
CA ASP B 113 8.13 22.59 -11.16
C ASP B 113 7.71 23.69 -10.19
N THR B 114 6.43 23.74 -9.83
CA THR B 114 5.93 24.75 -8.91
C THR B 114 6.60 24.62 -7.55
N ILE B 115 6.73 23.40 -7.03
CA ILE B 115 7.40 23.24 -5.75
C ILE B 115 8.80 23.85 -5.81
N LEU B 116 9.52 23.59 -6.91
CA LEU B 116 10.88 24.10 -7.05
C LEU B 116 10.88 25.61 -7.19
N GLN B 117 9.87 26.18 -7.86
CA GLN B 117 9.70 27.63 -7.86
C GLN B 117 9.54 28.18 -6.44
N ARG B 118 8.69 27.52 -5.62
CA ARG B 118 8.50 27.98 -4.25
C ARG B 118 9.81 27.94 -3.46
N LEU B 119 10.64 26.92 -3.66
CA LEU B 119 11.91 26.86 -2.93
C LEU B 119 12.89 27.94 -3.42
N ASP B 120 12.91 28.19 -4.72
CA ASP B 120 13.67 29.31 -5.26
C ASP B 120 13.26 30.60 -4.58
N GLN B 121 11.95 30.83 -4.48
CA GLN B 121 11.48 32.07 -3.88
C GLN B 121 11.96 32.21 -2.44
N ARG B 122 12.15 31.10 -1.74
CA ARG B 122 12.62 31.15 -0.36
C ARG B 122 14.13 30.96 -0.24
N ASP B 123 14.82 30.83 -1.37
CA ASP B 123 16.27 30.67 -1.43
C ASP B 123 16.70 29.41 -0.68
N ILE B 124 15.91 28.35 -0.74
CA ILE B 124 16.26 27.09 -0.05
C ILE B 124 16.81 26.12 -1.09
N PRO B 125 18.06 25.68 -0.96
CA PRO B 125 18.61 24.73 -1.93
C PRO B 125 17.92 23.38 -1.79
N VAL B 126 17.98 22.59 -2.86
CA VAL B 126 17.20 21.35 -2.94
C VAL B 126 17.97 20.28 -3.70
N MET B 127 17.78 19.05 -3.25
CA MET B 127 18.19 17.86 -4.00
C MET B 127 16.94 17.13 -4.47
N VAL B 128 16.88 16.84 -5.77
CA VAL B 128 15.72 16.19 -6.38
C VAL B 128 16.01 14.70 -6.44
N TYR B 129 15.19 13.91 -5.73
CA TYR B 129 15.31 12.45 -5.78
C TYR B 129 14.57 11.95 -7.00
N GLY B 130 15.30 11.33 -7.92
CA GLY B 130 14.68 10.85 -9.15
C GLY B 130 13.84 9.61 -8.91
N MET B 131 12.82 9.45 -9.74
CA MET B 131 11.96 8.29 -9.67
C MET B 131 11.87 7.71 -11.08
N ARG B 132 11.50 6.45 -11.17
CA ARG B 132 11.38 5.72 -12.42
C ARG B 132 9.96 5.16 -12.52
N ALA B 133 9.39 5.22 -13.73
CA ALA B 133 8.06 4.70 -13.98
C ALA B 133 8.08 3.18 -14.12
N ALA B 134 7.00 2.55 -13.66
CA ALA B 134 6.85 1.11 -13.84
C ALA B 134 6.86 0.77 -15.33
N PRO B 135 7.44 -0.37 -15.72
CA PRO B 135 7.50 -0.69 -17.17
C PRO B 135 6.12 -0.87 -17.82
N ASN B 136 5.14 -1.32 -17.07
CA ASN B 136 3.85 -1.62 -17.69
C ASN B 136 3.03 -0.37 -17.99
N LEU B 137 3.55 0.81 -17.68
CA LEU B 137 2.89 2.03 -18.15
C LEU B 137 3.22 2.36 -19.59
N GLY B 138 4.19 1.65 -20.18
CA GLY B 138 4.53 1.85 -21.57
C GLY B 138 5.73 2.76 -21.73
N GLY B 139 6.38 2.63 -22.89
CA GLY B 139 7.60 3.36 -23.13
C GLY B 139 7.42 4.86 -23.17
N ASP B 140 6.29 5.33 -23.68
CA ASP B 140 6.11 6.76 -23.87
C ASP B 140 5.93 7.46 -22.52
N TYR B 141 5.08 6.89 -21.66
CA TYR B 141 4.95 7.40 -20.31
C TYR B 141 6.29 7.35 -19.59
N GLY B 142 7.03 6.24 -19.77
CA GLY B 142 8.32 6.13 -19.11
C GLY B 142 9.27 7.26 -19.47
N ARG B 143 9.38 7.56 -20.76
CA ARG B 143 10.29 8.62 -21.18
C ARG B 143 9.82 9.98 -20.66
N SER B 144 8.52 10.23 -20.66
CA SER B 144 7.97 11.50 -20.21
C SER B 144 8.11 11.66 -18.70
N PHE B 145 7.84 10.61 -17.93
CA PHE B 145 7.97 10.69 -16.48
C PHE B 145 9.42 10.69 -16.02
N ASP B 146 10.22 9.75 -16.54
CA ASP B 146 11.56 9.57 -16.03
C ASP B 146 12.41 10.82 -16.25
N SER B 147 12.13 11.56 -17.33
CA SER B 147 12.91 12.74 -17.63
C SER B 147 12.51 13.95 -16.79
N ILE B 148 11.41 13.90 -16.04
CA ILE B 148 11.01 15.05 -15.22
C ILE B 148 12.18 15.48 -14.32
N PHE B 149 12.81 14.49 -13.67
CA PHE B 149 13.74 14.79 -12.57
C PHE B 149 15.04 15.38 -13.07
N PRO B 150 15.77 14.77 -14.02
CA PRO B 150 16.95 15.48 -14.55
C PRO B 150 16.60 16.81 -15.19
N ASP B 151 15.46 16.87 -15.92
CA ASP B 151 15.10 18.11 -16.60
C ASP B 151 14.90 19.24 -15.60
N LEU B 152 14.21 18.95 -14.49
CA LEU B 152 13.87 19.97 -13.51
C LEU B 152 15.05 20.32 -12.62
N ALA B 153 15.87 19.32 -12.28
CA ALA B 153 17.13 19.58 -11.60
C ALA B 153 18.00 20.54 -12.41
N ASP B 154 18.11 20.28 -13.71
CA ASP B 154 18.89 21.17 -14.59
C ASP B 154 18.28 22.57 -14.62
N LYS B 155 16.96 22.65 -14.78
CA LYS B 155 16.30 23.94 -14.91
C LYS B 155 16.46 24.78 -13.64
N TYR B 156 16.39 24.16 -12.48
CA TYR B 156 16.43 24.90 -11.24
C TYR B 156 17.78 24.85 -10.55
N ASP B 157 18.82 24.35 -11.22
CA ASP B 157 20.15 24.25 -10.67
C ASP B 157 20.17 23.53 -9.32
N ALA B 158 19.46 22.41 -9.26
CA ALA B 158 19.42 21.54 -8.11
C ALA B 158 20.18 20.26 -8.44
N GLU B 159 20.71 19.59 -7.42
CA GLU B 159 21.33 18.30 -7.69
C GLU B 159 20.25 17.24 -7.91
N LEU B 160 20.58 16.26 -8.74
CA LEU B 160 19.75 15.08 -8.94
C LEU B 160 20.34 13.91 -8.17
N VAL B 161 19.54 13.29 -7.31
CA VAL B 161 19.89 12.04 -6.60
C VAL B 161 19.30 10.98 -7.53
N PRO B 162 20.10 10.07 -8.30
CA PRO B 162 19.79 8.81 -9.33
C PRO B 162 18.78 8.14 -8.35
N PHE B 163 17.91 7.31 -8.87
CA PHE B 163 16.89 6.38 -8.29
C PHE B 163 17.65 5.88 -7.07
N PHE B 164 17.11 6.08 -5.89
CA PHE B 164 17.82 5.82 -4.62
C PHE B 164 17.35 4.50 -4.12
N ILE B 165 16.26 3.98 -4.66
CA ILE B 165 15.80 2.60 -4.34
C ILE B 165 16.44 1.56 -5.28
N GLU B 166 17.41 1.91 -6.11
CA GLU B 166 18.07 0.91 -6.95
C GLU B 166 18.54 -0.33 -6.20
N PRO B 167 19.09 -0.25 -4.97
CA PRO B 167 19.43 -1.50 -4.25
C PRO B 167 18.25 -2.44 -4.12
N LEU B 168 17.03 -1.90 -4.02
CA LEU B 168 15.86 -2.76 -3.84
C LEU B 168 15.58 -3.61 -5.07
N ILE B 169 15.86 -3.08 -6.27
CA ILE B 169 15.68 -3.81 -7.51
C ILE B 169 16.53 -5.07 -7.52
N PHE B 170 17.75 -5.00 -6.99
CA PHE B 170 18.71 -6.07 -7.13
C PHE B 170 18.79 -7.01 -5.94
N ASP B 171 18.09 -6.72 -4.84
CA ASP B 171 18.08 -7.64 -3.70
C ASP B 171 16.68 -7.65 -3.10
N ARG B 172 15.85 -8.61 -3.55
CA ARG B 172 14.49 -8.72 -3.07
C ARG B 172 14.42 -8.91 -1.56
N SER B 173 15.50 -9.35 -0.93
CA SER B 173 15.47 -9.50 0.52
C SER B 173 15.37 -8.15 1.22
N LEU B 174 15.63 -7.06 0.51
CA LEU B 174 15.58 -5.70 1.03
C LEU B 174 14.20 -5.06 0.89
N VAL B 175 13.23 -5.81 0.38
CA VAL B 175 11.91 -5.28 0.04
C VAL B 175 10.90 -6.02 0.89
N GLN B 176 9.91 -5.28 1.41
CA GLN B 176 8.86 -5.88 2.23
C GLN B 176 8.05 -6.84 1.37
N GLN B 177 7.88 -8.05 1.89
CA GLN B 177 7.15 -9.09 1.18
C GLN B 177 5.87 -9.50 1.90
N ASP B 178 5.44 -8.73 2.90
CA ASP B 178 4.35 -9.11 3.77
C ASP B 178 2.98 -8.82 3.16
N GLN B 179 2.95 -7.93 2.17
CA GLN B 179 1.71 -7.37 1.63
C GLN B 179 1.66 -7.73 0.15
N LEU B 180 0.72 -8.60 -0.22
CA LEU B 180 0.61 -9.13 -1.57
C LEU B 180 -0.67 -8.61 -2.24
N HIS B 181 -0.52 -7.96 -3.38
CA HIS B 181 -1.69 -7.55 -4.14
C HIS B 181 -1.73 -8.30 -5.46
N PRO B 182 -2.83 -8.99 -5.77
CA PRO B 182 -2.85 -9.77 -7.02
C PRO B 182 -2.87 -8.90 -8.26
N THR B 183 -2.21 -9.41 -9.31
CA THR B 183 -2.50 -9.00 -10.67
C THR B 183 -3.85 -9.58 -11.10
N ALA B 184 -4.29 -9.20 -12.29
CA ALA B 184 -5.50 -9.81 -12.87
C ALA B 184 -5.38 -11.34 -12.91
N GLN B 185 -4.21 -11.85 -13.29
CA GLN B 185 -3.99 -13.29 -13.32
C GLN B 185 -3.96 -13.87 -11.92
N GLY B 186 -3.42 -13.13 -10.95
CA GLY B 186 -3.52 -13.57 -9.57
C GLY B 186 -4.95 -13.70 -9.11
N VAL B 187 -5.81 -12.75 -9.51
CA VAL B 187 -7.23 -12.86 -9.16
C VAL B 187 -7.81 -14.16 -9.73
N ASP B 188 -7.46 -14.47 -10.97
CA ASP B 188 -8.00 -15.67 -11.59
C ASP B 188 -7.60 -16.90 -10.79
N ALA B 189 -6.35 -16.95 -10.30
CA ALA B 189 -5.90 -18.05 -9.47
C ALA B 189 -6.70 -18.14 -8.17
N MET B 190 -6.98 -17.00 -7.56
CA MET B 190 -7.80 -16.94 -6.36
C MET B 190 -9.21 -17.48 -6.62
N VAL B 191 -9.73 -17.20 -7.81
CA VAL B 191 -11.04 -17.74 -8.19
C VAL B 191 -10.94 -19.24 -8.42
N GLU B 192 -9.95 -19.69 -9.19
CA GLU B 192 -9.84 -21.15 -9.37
C GLU B 192 -9.72 -21.87 -8.03
N GLN B 193 -9.08 -21.25 -7.05
CA GLN B 193 -8.92 -21.91 -5.75
C GLN B 193 -10.20 -21.94 -4.91
N THR B 194 -11.14 -21.04 -5.15
CA THR B 194 -12.34 -20.94 -4.30
C THR B 194 -13.67 -21.25 -4.99
N VAL B 195 -13.74 -21.35 -6.32
CA VAL B 195 -15.05 -21.34 -6.97
C VAL B 195 -15.85 -22.60 -6.64
N GLU B 196 -15.19 -23.72 -6.45
CA GLU B 196 -15.90 -24.97 -6.17
C GLU B 196 -16.63 -24.90 -4.84
N GLN B 197 -15.95 -24.36 -3.83
CA GLN B 197 -16.54 -24.21 -2.51
C GLN B 197 -17.68 -23.21 -2.55
N VAL B 198 -17.47 -22.05 -3.20
CA VAL B 198 -18.53 -21.04 -3.27
C VAL B 198 -19.73 -21.56 -4.09
N GLU B 199 -19.45 -22.29 -5.16
CA GLU B 199 -20.53 -22.89 -5.95
C GLU B 199 -21.38 -23.82 -5.09
N ASP B 200 -20.73 -24.72 -4.35
CA ASP B 200 -21.44 -25.61 -3.46
C ASP B 200 -22.27 -24.84 -2.45
N ARG B 201 -21.69 -23.78 -1.86
CA ARG B 201 -22.43 -23.05 -0.84
C ARG B 201 -23.68 -22.41 -1.41
N ILE B 202 -23.56 -21.81 -2.59
CA ILE B 202 -24.73 -21.16 -3.19
C ILE B 202 -25.76 -22.19 -3.64
N ASP B 203 -25.30 -23.27 -4.28
CA ASP B 203 -26.22 -24.33 -4.67
C ASP B 203 -26.99 -24.90 -3.48
N ASP B 204 -26.40 -24.82 -2.27
CA ASP B 204 -26.98 -25.41 -1.08
C ASP B 204 -27.90 -24.47 -0.32
N LEU B 205 -28.05 -23.22 -0.77
CA LEU B 205 -28.88 -22.27 -0.04
C LEU B 205 -30.37 -22.67 -0.02
CA CA C . 27.79 18.13 -4.82
CA CA D . 33.50 17.09 -1.18
CA CA E . 31.47 19.10 -3.90
CA CA F . -29.71 -16.35 13.14
CA CA G . -33.44 -17.27 12.54
CA CA H . -27.39 -18.37 15.62
C ACT I . 8.25 2.19 -5.98
O ACT I . 8.37 0.93 -6.21
OXT ACT I . 8.05 2.81 -4.88
CH3 ACT I . 8.43 3.10 -7.20
H1 ACT I . 7.56 3.43 -7.49
H2 ACT I . 8.86 2.62 -7.90
H3 ACT I . 8.99 3.87 -6.94
N1 IMD J . -4.29 -4.41 1.48
C2 IMD J . -5.29 -3.51 1.64
N3 IMD J . -6.39 -4.17 2.16
C4 IMD J . -6.04 -5.48 2.34
C5 IMD J . -4.72 -5.63 1.92
HN1 IMD J . -3.40 -4.22 1.10
H2 IMD J . -5.25 -2.55 1.43
HN3 IMD J . -7.26 -3.78 2.34
H4 IMD J . -6.62 -6.19 2.71
H5 IMD J . -4.20 -6.46 1.95
CA CA K . 30.52 24.48 4.46
C ACT L . -1.26 -10.31 2.41
O ACT L . -0.28 -10.70 1.73
OXT ACT L . -1.44 -10.42 3.66
CH3 ACT L . -2.43 -9.66 1.62
H1 ACT L . -2.09 -9.31 0.79
H2 ACT L . -2.81 -8.94 2.16
H3 ACT L . -3.12 -10.33 1.45
C ACT M . 18.57 26.75 10.40
O ACT M . 17.95 26.70 9.28
OXT ACT M . 18.10 26.85 11.56
CH3 ACT M . 20.11 26.59 10.37
H1 ACT M . 20.52 27.37 10.75
H2 ACT M . 20.40 26.48 9.45
H3 ACT M . 20.36 25.80 10.88
C1 EDO N . 6.46 -6.59 -3.57
O1 EDO N . 6.40 -5.22 -3.98
C2 EDO N . 5.08 -6.99 -3.07
O2 EDO N . 5.20 -8.23 -2.34
H11 EDO N . 6.77 -7.22 -4.40
H12 EDO N . 7.21 -6.71 -2.77
HO1 EDO N . 7.27 -4.94 -4.28
H21 EDO N . 4.68 -6.21 -2.43
H22 EDO N . 4.40 -7.12 -3.92
HO2 EDO N . 4.33 -8.49 -2.00
N1 IMD O . 5.25 4.46 -2.75
C2 IMD O . 4.24 4.23 -1.86
N3 IMD O . 3.88 5.39 -1.27
C4 IMD O . 4.66 6.38 -1.77
C5 IMD O . 5.52 5.80 -2.71
HN1 IMD O . 5.69 3.80 -3.31
H2 IMD O . 3.85 3.35 -1.68
HN3 IMD O . 3.17 5.49 -0.59
H4 IMD O . 4.63 7.33 -1.52
H5 IMD O . 6.19 6.27 -3.24
#